data_7Q1M
#
_entry.id   7Q1M
#
_cell.length_a   154.770
_cell.length_b   154.770
_cell.length_c   127.710
_cell.angle_alpha   90.000
_cell.angle_beta   90.000
_cell.angle_gamma   90.000
#
_symmetry.space_group_name_H-M   'I 4 2 2'
#
loop_
_entity.id
_entity.type
_entity.pdbx_description
1 polymer Cholinesterase
2 branched alpha-L-fucopyranose-(1-6)-2-acetamido-2-deoxy-beta-D-glucopyranose
3 branched 2-acetamido-2-deoxy-beta-D-glucopyranose-(1-4)-[alpha-L-fucopyranose-(1-6)]2-acetamido-2-deoxy-beta-D-glucopyranose
4 non-polymer 'SULFATE ION'
5 non-polymer 2-acetamido-2-deoxy-beta-D-glucopyranose
6 non-polymer N-[(2S)-3-(cyclohexylmethylamino)-2-oxidanyl-propyl]-2,2-diphenyl-ethanamide
7 non-polymer GLYCEROL
8 non-polymer 'CHLORIDE ION'
9 water water
#
_entity_poly.entity_id   1
_entity_poly.type   'polypeptide(L)'
_entity_poly.pdbx_seq_one_letter_code
;EDDIIIATKNGKVRGMQLTVFGGTVTAFLGIPYAQPPLGRLRFKKPQSLTKWSDIWNATKYANSCCQNIDQSFPGFHGSE
MWNPNTDLSEDCLYLNVWIPAPKPKNATVLIWIYGGGFQTGTSSLHVYDGKFLARVERVIVVSMNYRVGALGFLALPGNP
EAPGNMGLFDQQLALQWVQKNIAAFGGNPKSVTLFGESAGAASVSLHLLSPGSHSLFTRAILQSGSFNAPWAVTSLYEAR
NRTLNLAKLTGCSRENETEIIKCLRNKDPQEILLNEAFVVPYGTPLSVNFGPTVDGDFLTDMPDILLELGQFKKTQILVG
VNKDEGTAFLVYGAPGFSKDNNSIITRKEFQEGLKIFFPGVSEFGKESILFHYTDWVDDQRPENYREALGDVVGDYNFIC
PALEFTKKFSEWGNNAFFYYFEHRSSKLPWPEWMGVMHGYEIEFVFGLPLERRDQYTKAEEILSRSIVKRWANFAKYGNP
QETQNQSTSWPVFKSTEQKYLTLNTESTRIMTKLRAQQCRFWTSFFPKV
;
_entity_poly.pdbx_strand_id   A
#
loop_
_chem_comp.id
_chem_comp.type
_chem_comp.name
_chem_comp.formula
8IS non-polymer N-[(2S)-3-(cyclohexylmethylamino)-2-oxidanyl-propyl]-2,2-diphenyl-ethanamide 'C24 H32 N2 O2'
CL non-polymer 'CHLORIDE ION' 'Cl -1'
FUC L-saccharide, alpha linking alpha-L-fucopyranose 'C6 H12 O5'
GOL non-polymer GLYCEROL 'C3 H8 O3'
NAG D-saccharide, beta linking 2-acetamido-2-deoxy-beta-D-glucopyranose 'C8 H15 N O6'
SO4 non-polymer 'SULFATE ION' 'O4 S -2'
#
# COMPACT_ATOMS: atom_id res chain seq x y z
N ASP A 3 19.59 18.86 -21.50
CA ASP A 3 18.87 19.86 -20.70
C ASP A 3 17.36 19.83 -21.05
N ILE A 4 16.56 19.08 -20.29
CA ILE A 4 15.13 18.94 -20.58
C ILE A 4 14.35 19.70 -19.52
N ILE A 5 13.81 20.86 -19.91
CA ILE A 5 12.98 21.68 -19.05
C ILE A 5 11.54 21.59 -19.55
N ILE A 6 10.62 21.32 -18.63
CA ILE A 6 9.21 21.18 -18.94
C ILE A 6 8.48 22.34 -18.28
N ALA A 7 7.53 22.92 -19.00
CA ALA A 7 6.68 23.99 -18.48
C ALA A 7 5.45 23.35 -17.85
N THR A 8 5.37 23.40 -16.53
CA THR A 8 4.18 22.99 -15.80
C THR A 8 3.33 24.21 -15.46
N LYS A 9 2.07 23.95 -15.07
CA LYS A 9 1.13 25.02 -14.80
C LYS A 9 1.54 25.90 -13.63
N ASN A 10 2.59 25.52 -12.88
CA ASN A 10 3.04 26.31 -11.75
C ASN A 10 4.49 26.77 -11.90
N GLY A 11 5.16 26.37 -12.95
CA GLY A 11 6.54 26.81 -13.15
C GLY A 11 7.30 25.77 -13.93
N LYS A 12 8.49 26.17 -14.35
CA LYS A 12 9.36 25.30 -15.10
C LYS A 12 10.15 24.38 -14.16
N VAL A 13 10.31 23.12 -14.56
CA VAL A 13 11.05 22.14 -13.80
C VAL A 13 12.14 21.54 -14.70
N ARG A 14 13.30 21.27 -14.12
CA ARG A 14 14.41 20.65 -14.83
C ARG A 14 14.61 19.22 -14.35
N GLY A 15 14.69 18.27 -15.28
CA GLY A 15 14.96 16.89 -14.97
C GLY A 15 16.40 16.50 -15.24
N MET A 16 16.63 15.19 -15.25
CA MET A 16 17.94 14.62 -15.54
C MET A 16 17.77 13.40 -16.43
N GLN A 17 18.89 12.98 -17.05
CA GLN A 17 18.91 11.89 -18.01
C GLN A 17 19.54 10.66 -17.37
N LEU A 18 18.94 9.50 -17.61
CA LEU A 18 19.35 8.24 -17.01
C LEU A 18 19.62 7.19 -18.07
N THR A 19 20.76 6.52 -17.97
CA THR A 19 21.07 5.37 -18.82
C THR A 19 20.44 4.12 -18.22
N VAL A 20 19.49 3.53 -18.93
CA VAL A 20 18.82 2.31 -18.50
C VAL A 20 18.83 1.31 -19.65
N PHE A 21 19.40 0.14 -19.42
CA PHE A 21 19.33 -0.96 -20.38
C PHE A 21 19.71 -0.48 -21.78
N GLY A 22 20.95 0.00 -21.90
CA GLY A 22 21.41 0.59 -23.14
C GLY A 22 20.43 1.57 -23.78
N GLY A 23 19.74 2.35 -22.97
CA GLY A 23 18.74 3.28 -23.44
C GLY A 23 18.72 4.54 -22.60
N THR A 24 17.59 5.23 -22.51
CA THR A 24 17.53 6.52 -21.83
C THR A 24 16.12 6.78 -21.27
N VAL A 25 16.07 7.29 -20.03
CA VAL A 25 14.85 7.65 -19.32
C VAL A 25 15.03 9.03 -18.70
N THR A 26 14.03 9.90 -18.82
CA THR A 26 14.07 11.21 -18.20
C THR A 26 13.35 11.14 -16.85
N ALA A 27 14.07 11.42 -15.77
CA ALA A 27 13.51 11.40 -14.42
C ALA A 27 13.37 12.82 -13.88
N PHE A 28 12.22 13.10 -13.29
CA PHE A 28 11.99 14.34 -12.55
C PHE A 28 11.70 13.94 -11.12
N LEU A 29 12.62 14.26 -10.21
CA LEU A 29 12.51 13.80 -8.82
C LEU A 29 12.25 14.99 -7.91
N GLY A 30 11.21 14.86 -7.07
CA GLY A 30 10.91 15.84 -6.05
C GLY A 30 10.34 17.14 -6.57
N ILE A 31 9.32 17.03 -7.42
CA ILE A 31 8.51 18.20 -7.80
C ILE A 31 7.50 18.46 -6.69
N PRO A 32 7.40 19.70 -6.20
CA PRO A 32 6.38 20.01 -5.20
C PRO A 32 4.98 19.98 -5.79
N TYR A 33 3.99 19.63 -4.95
CA TYR A 33 2.61 19.70 -5.43
C TYR A 33 1.65 20.33 -4.42
N ALA A 34 2.14 20.96 -3.36
CA ALA A 34 1.28 21.64 -2.38
C ALA A 34 2.14 22.60 -1.59
N GLN A 35 1.50 23.60 -0.99
CA GLN A 35 2.22 24.34 0.02
C GLN A 35 2.64 23.35 1.09
N PRO A 36 3.88 23.41 1.57
CA PRO A 36 4.28 22.57 2.70
C PRO A 36 3.33 22.77 3.87
N PRO A 37 2.86 21.68 4.48
CA PRO A 37 1.90 21.77 5.60
C PRO A 37 2.57 22.04 6.95
N LEU A 38 3.24 23.18 7.04
CA LEU A 38 3.94 23.56 8.26
C LEU A 38 3.15 24.65 8.97
N GLY A 39 3.35 24.74 10.27
CA GLY A 39 2.80 25.87 11.01
C GLY A 39 1.33 25.68 11.24
N ARG A 40 0.56 26.71 10.89
CA ARG A 40 -0.90 26.64 10.94
C ARG A 40 -1.47 25.65 9.93
N LEU A 41 -0.65 25.07 9.04
CA LEU A 41 -1.15 24.11 8.07
C LEU A 41 -1.01 22.67 8.54
N ARG A 42 -0.32 22.41 9.64
CA ARG A 42 -0.22 21.06 10.14
C ARG A 42 -1.60 20.52 10.53
N PHE A 43 -1.90 19.30 10.08
CA PHE A 43 -3.15 18.56 10.26
C PHE A 43 -4.24 19.00 9.29
N LYS A 44 -4.03 20.05 8.52
CA LYS A 44 -5.06 20.53 7.61
C LYS A 44 -4.96 19.82 6.25
N LYS A 45 -6.04 19.91 5.48
CA LYS A 45 -6.00 19.43 4.12
C LYS A 45 -4.94 20.22 3.34
N PRO A 46 -4.34 19.63 2.30
CA PRO A 46 -3.27 20.31 1.57
C PRO A 46 -3.77 21.48 0.76
N GLN A 47 -2.91 22.49 0.62
CA GLN A 47 -3.24 23.75 -0.04
C GLN A 47 -2.51 23.88 -1.36
N SER A 48 -3.18 24.47 -2.35
CA SER A 48 -2.69 24.47 -3.73
C SER A 48 -1.57 25.49 -3.90
N LEU A 49 -0.57 25.12 -4.69
CA LEU A 49 0.65 25.90 -4.80
C LEU A 49 0.45 27.17 -5.63
N THR A 50 1.20 28.21 -5.27
CA THR A 50 1.31 29.41 -6.09
C THR A 50 2.49 29.26 -7.05
N LYS A 51 2.36 29.91 -8.21
CA LYS A 51 3.35 29.79 -9.27
C LYS A 51 4.73 30.25 -8.80
N TRP A 52 5.76 29.56 -9.24
CA TRP A 52 7.14 30.00 -9.05
C TRP A 52 7.74 30.41 -10.39
N SER A 53 8.63 31.39 -10.33
CA SER A 53 9.20 32.00 -11.53
C SER A 53 10.53 31.37 -11.95
N ASP A 54 11.26 30.78 -11.01
CA ASP A 54 12.57 30.19 -11.28
C ASP A 54 12.41 28.91 -12.11
N ILE A 55 13.51 28.21 -12.34
CA ILE A 55 13.47 26.84 -12.85
C ILE A 55 13.69 25.93 -11.65
N TRP A 56 12.67 25.16 -11.29
CA TRP A 56 12.83 24.20 -10.21
C TRP A 56 13.73 23.06 -10.65
N ASN A 57 14.76 22.78 -9.85
CA ASN A 57 15.71 21.70 -10.16
C ASN A 57 15.20 20.44 -9.48
N ALA A 58 14.40 19.66 -10.21
CA ALA A 58 13.82 18.42 -9.69
C ALA A 58 14.71 17.25 -10.08
N THR A 59 15.85 17.13 -9.37
CA THR A 59 16.94 16.24 -9.74
C THR A 59 17.41 15.33 -8.62
N LYS A 60 16.74 15.35 -7.48
CA LYS A 60 17.00 14.40 -6.43
C LYS A 60 15.69 14.17 -5.70
N TYR A 61 15.56 12.98 -5.13
CA TYR A 61 14.42 12.68 -4.27
C TYR A 61 14.27 13.74 -3.18
N ALA A 62 13.03 14.16 -2.95
CA ALA A 62 12.76 15.16 -1.93
C ALA A 62 12.73 14.52 -0.55
N ASN A 63 12.46 15.35 0.47
CA ASN A 63 12.29 14.87 1.84
C ASN A 63 11.18 13.85 1.96
N SER A 64 11.40 12.81 2.77
CA SER A 64 10.29 11.98 3.19
C SER A 64 9.51 12.67 4.32
N CYS A 65 8.26 12.24 4.52
CA CYS A 65 7.42 12.75 5.61
C CYS A 65 7.80 12.09 6.94
N CYS A 66 7.59 12.84 8.02
CA CYS A 66 7.94 12.39 9.37
C CYS A 66 7.31 11.04 9.69
N GLN A 67 8.09 10.17 10.34
CA GLN A 67 7.60 8.83 10.62
C GLN A 67 8.53 8.14 11.61
N ASN A 68 7.98 7.12 12.26
CA ASN A 68 8.73 6.29 13.17
C ASN A 68 9.37 5.13 12.42
N ILE A 69 10.66 5.04 12.54
CA ILE A 69 11.46 4.08 11.80
C ILE A 69 11.36 2.73 12.49
N ASP A 70 11.38 1.66 11.71
CA ASP A 70 11.49 0.32 12.27
C ASP A 70 12.94 0.04 12.70
N GLN A 71 13.16 -0.13 14.01
CA GLN A 71 14.46 -0.42 14.59
C GLN A 71 14.53 -1.82 15.18
N SER A 72 13.64 -2.71 14.76
CA SER A 72 13.56 -4.01 15.39
C SER A 72 14.73 -4.90 14.98
N PHE A 73 15.33 -4.67 13.81
CA PHE A 73 16.47 -5.47 13.35
C PHE A 73 17.50 -4.55 12.71
N PRO A 74 18.24 -3.81 13.54
CA PRO A 74 19.21 -2.85 13.00
C PRO A 74 20.28 -3.54 12.17
N GLY A 75 20.63 -2.90 11.06
CA GLY A 75 21.62 -3.41 10.13
C GLY A 75 21.12 -4.54 9.24
N PHE A 76 19.87 -4.96 9.41
CA PHE A 76 19.28 -6.05 8.65
C PHE A 76 18.59 -5.48 7.42
N HIS A 77 19.03 -5.89 6.24
CA HIS A 77 18.46 -5.30 5.03
C HIS A 77 16.95 -5.55 4.92
N GLY A 78 16.48 -6.72 5.38
CA GLY A 78 15.09 -7.07 5.20
C GLY A 78 14.14 -6.09 5.88
N SER A 79 14.56 -5.49 7.00
CA SER A 79 13.74 -4.47 7.63
C SER A 79 14.15 -3.08 7.17
N GLU A 80 15.44 -2.84 6.98
CA GLU A 80 15.89 -1.48 6.74
C GLU A 80 15.68 -1.03 5.29
N MET A 81 15.52 -1.98 4.35
CA MET A 81 15.21 -1.60 2.98
C MET A 81 13.92 -0.81 2.90
N TRP A 82 13.10 -0.84 3.96
CA TRP A 82 11.81 -0.14 3.97
C TRP A 82 11.88 1.20 4.69
N ASN A 83 12.87 1.42 5.53
CA ASN A 83 13.00 2.68 6.23
C ASN A 83 13.37 3.79 5.25
N PRO A 84 12.99 5.04 5.55
CA PRO A 84 13.24 6.13 4.62
C PRO A 84 14.71 6.28 4.28
N ASN A 85 14.96 6.63 3.02
CA ASN A 85 16.31 6.85 2.54
C ASN A 85 16.50 8.29 2.06
N THR A 86 15.67 9.20 2.55
CA THR A 86 15.99 10.62 2.52
C THR A 86 15.57 11.22 3.86
N ASP A 87 15.96 12.48 4.07
CA ASP A 87 15.62 13.20 5.28
C ASP A 87 14.13 13.19 5.54
N LEU A 88 13.77 13.11 6.83
CA LEU A 88 12.38 13.27 7.27
C LEU A 88 12.16 14.76 7.52
N SER A 89 11.02 15.24 7.04
CA SER A 89 10.66 16.64 7.19
C SER A 89 9.15 16.74 7.08
N GLU A 90 8.58 17.69 7.82
CA GLU A 90 7.16 17.95 7.68
C GLU A 90 6.86 18.50 6.29
N ASP A 91 7.83 19.21 5.72
CA ASP A 91 7.80 19.69 4.34
C ASP A 91 8.20 18.54 3.44
N CYS A 92 7.18 17.81 2.95
CA CYS A 92 7.44 16.57 2.23
C CYS A 92 6.46 16.28 1.10
N LEU A 93 5.55 17.20 0.76
CA LEU A 93 4.54 16.92 -0.26
C LEU A 93 5.17 17.20 -1.62
N TYR A 94 5.74 16.14 -2.20
CA TYR A 94 6.47 16.19 -3.46
C TYR A 94 6.14 14.92 -4.21
N LEU A 95 6.38 14.92 -5.53
CA LEU A 95 6.14 13.75 -6.38
C LEU A 95 7.26 13.59 -7.40
N ASN A 96 7.35 12.40 -7.99
CA ASN A 96 8.33 12.09 -9.02
C ASN A 96 7.66 11.64 -10.32
N VAL A 97 8.37 11.86 -11.44
CA VAL A 97 7.91 11.47 -12.77
C VAL A 97 9.06 10.83 -13.53
N TRP A 98 8.82 9.67 -14.12
CA TRP A 98 9.73 9.08 -15.08
C TRP A 98 9.05 9.06 -16.45
N ILE A 99 9.61 9.77 -17.42
CA ILE A 99 9.09 9.70 -18.78
C ILE A 99 10.11 9.02 -19.70
N PRO A 100 9.66 8.20 -20.64
CA PRO A 100 10.60 7.56 -21.57
C PRO A 100 11.26 8.60 -22.46
N ALA A 101 12.48 8.28 -22.88
CA ALA A 101 13.17 9.04 -23.91
C ALA A 101 13.25 8.18 -25.16
N PRO A 102 12.77 8.66 -26.32
CA PRO A 102 12.29 10.01 -26.58
C PRO A 102 10.95 10.28 -25.92
N LYS A 103 10.68 11.54 -25.69
CA LYS A 103 9.45 11.96 -25.04
C LYS A 103 8.25 11.39 -25.80
N PRO A 104 7.36 10.67 -25.13
CA PRO A 104 6.30 9.96 -25.84
C PRO A 104 5.21 10.94 -26.24
N LYS A 105 4.21 10.40 -26.93
CA LYS A 105 3.14 11.22 -27.47
C LYS A 105 1.91 11.23 -26.55
N ASN A 106 1.35 10.05 -26.26
CA ASN A 106 0.13 9.96 -25.46
C ASN A 106 0.22 8.78 -24.48
N ALA A 107 1.29 8.79 -23.67
CA ALA A 107 1.67 7.63 -22.85
C ALA A 107 0.70 7.37 -21.71
N THR A 108 0.37 6.09 -21.48
CA THR A 108 -0.41 5.73 -20.31
C THR A 108 0.40 6.02 -19.05
N VAL A 109 -0.23 6.63 -18.07
CA VAL A 109 0.44 7.01 -16.83
C VAL A 109 0.16 5.99 -15.76
N LEU A 110 1.19 5.64 -15.00
N LEU A 110 1.19 5.64 -15.00
CA LEU A 110 1.04 4.77 -13.84
CA LEU A 110 1.03 4.78 -13.84
C LEU A 110 1.37 5.57 -12.59
C LEU A 110 1.37 5.57 -12.59
N ILE A 111 0.42 5.64 -11.66
CA ILE A 111 0.60 6.37 -10.41
C ILE A 111 0.74 5.36 -9.27
N TRP A 112 1.90 5.39 -8.60
CA TRP A 112 2.21 4.48 -7.51
C TRP A 112 1.93 5.12 -6.15
N ILE A 113 1.28 4.35 -5.27
CA ILE A 113 1.06 4.77 -3.88
C ILE A 113 1.64 3.70 -2.96
N TYR A 114 2.56 4.10 -2.07
CA TYR A 114 3.28 3.15 -1.21
C TYR A 114 2.47 2.78 0.04
N GLY A 115 2.75 1.57 0.55
CA GLY A 115 2.22 1.15 1.84
C GLY A 115 3.17 1.50 2.98
N GLY A 116 2.92 0.89 4.12
CA GLY A 116 3.64 1.22 5.31
C GLY A 116 2.71 1.37 6.50
N GLY A 117 1.55 0.71 6.44
CA GLY A 117 0.61 0.75 7.56
C GLY A 117 0.03 2.13 7.85
N PHE A 118 0.00 3.02 6.86
CA PHE A 118 -0.40 4.42 7.01
C PHE A 118 0.39 5.17 8.07
N GLN A 119 1.49 4.60 8.54
CA GLN A 119 2.35 5.28 9.49
C GLN A 119 3.71 5.57 8.92
N THR A 120 4.12 4.86 7.89
CA THR A 120 5.46 4.97 7.33
C THR A 120 5.37 4.86 5.83
N GLY A 121 6.51 5.05 5.17
CA GLY A 121 6.65 4.84 3.74
C GLY A 121 7.21 6.07 3.07
N THR A 122 7.82 5.88 1.91
CA THR A 122 8.31 7.00 1.12
C THR A 122 8.45 6.54 -0.32
N SER A 123 8.24 7.49 -1.24
CA SER A 123 8.30 7.20 -2.67
C SER A 123 9.72 6.98 -3.17
N SER A 124 10.75 7.41 -2.42
CA SER A 124 12.14 7.37 -2.87
C SER A 124 12.80 6.00 -2.66
N LEU A 125 12.06 5.00 -2.14
CA LEU A 125 12.63 3.68 -1.92
C LEU A 125 13.17 3.07 -3.20
N HIS A 126 14.26 2.34 -3.07
CA HIS A 126 14.94 1.77 -4.23
C HIS A 126 14.02 0.83 -5.02
N VAL A 127 13.10 0.13 -4.35
CA VAL A 127 12.25 -0.83 -5.03
C VAL A 127 11.00 -0.16 -5.60
N TYR A 128 10.97 1.18 -5.61
CA TYR A 128 9.89 1.93 -6.23
C TYR A 128 10.41 2.76 -7.39
N ASP A 129 11.65 2.49 -7.83
CA ASP A 129 12.25 3.22 -8.94
C ASP A 129 11.47 2.94 -10.22
N GLY A 130 10.91 3.98 -10.82
CA GLY A 130 10.10 3.74 -12.00
C GLY A 130 10.86 3.68 -13.29
N LYS A 131 12.18 3.93 -13.23
CA LYS A 131 12.98 4.08 -14.44
C LYS A 131 12.88 2.84 -15.33
N PHE A 132 12.68 1.67 -14.76
CA PHE A 132 12.61 0.44 -15.57
C PHE A 132 11.31 0.41 -16.35
N LEU A 133 10.19 0.63 -15.66
CA LEU A 133 8.89 0.59 -16.33
C LEU A 133 8.84 1.62 -17.46
N ALA A 134 9.44 2.78 -17.26
CA ALA A 134 9.47 3.76 -18.33
C ALA A 134 10.25 3.23 -19.52
N ARG A 135 11.44 2.67 -19.28
CA ARG A 135 12.31 2.22 -20.37
C ARG A 135 11.71 1.05 -21.13
N VAL A 136 11.15 0.09 -20.40
CA VAL A 136 10.74 -1.18 -21.01
C VAL A 136 9.39 -1.04 -21.71
N GLU A 137 8.42 -0.43 -21.05
CA GLU A 137 7.05 -0.41 -21.52
C GLU A 137 6.58 0.96 -21.96
N ARG A 138 7.46 1.96 -21.93
CA ARG A 138 7.15 3.30 -22.43
C ARG A 138 5.91 3.86 -21.77
N VAL A 139 5.68 3.47 -20.52
CA VAL A 139 4.71 4.14 -19.67
C VAL A 139 5.40 5.30 -18.97
N ILE A 140 4.60 6.20 -18.43
CA ILE A 140 5.09 7.23 -17.53
C ILE A 140 4.74 6.78 -16.13
N VAL A 141 5.75 6.74 -15.26
CA VAL A 141 5.55 6.34 -13.88
C VAL A 141 5.62 7.56 -12.99
N VAL A 142 4.64 7.67 -12.09
CA VAL A 142 4.56 8.75 -11.12
C VAL A 142 4.35 8.13 -9.75
N SER A 143 5.06 8.67 -8.74
CA SER A 143 4.84 8.34 -7.34
C SER A 143 4.83 9.62 -6.52
N MET A 144 3.98 9.65 -5.49
CA MET A 144 3.91 10.81 -4.60
C MET A 144 4.24 10.44 -3.15
N ASN A 145 4.71 11.45 -2.39
CA ASN A 145 4.80 11.34 -0.93
C ASN A 145 3.52 11.88 -0.32
N TYR A 146 3.04 11.20 0.72
CA TYR A 146 1.85 11.66 1.40
C TYR A 146 2.03 11.51 2.90
N ARG A 147 1.35 12.37 3.65
CA ARG A 147 1.47 12.41 5.10
C ARG A 147 0.96 11.12 5.74
N VAL A 148 1.74 10.57 6.65
CA VAL A 148 1.42 9.33 7.33
C VAL A 148 1.40 9.59 8.85
N GLY A 149 0.94 8.57 9.60
CA GLY A 149 0.78 8.73 11.04
C GLY A 149 -0.21 9.83 11.42
N ALA A 150 -0.08 10.28 12.67
CA ALA A 150 -0.98 11.34 13.14
C ALA A 150 -0.88 12.60 12.29
N LEU A 151 0.31 12.92 11.78
CA LEU A 151 0.45 14.10 10.95
C LEU A 151 -0.39 14.03 9.70
N GLY A 152 -0.74 12.83 9.26
CA GLY A 152 -1.56 12.68 8.06
C GLY A 152 -2.92 12.07 8.29
N PHE A 153 -3.23 11.67 9.54
CA PHE A 153 -4.49 11.00 9.81
C PHE A 153 -5.11 11.31 11.17
N LEU A 154 -4.49 12.17 11.98
CA LEU A 154 -5.16 12.63 13.20
C LEU A 154 -6.59 13.05 12.86
N ALA A 155 -7.54 12.64 13.70
CA ALA A 155 -8.95 12.75 13.32
C ALA A 155 -9.77 13.43 14.41
N LEU A 156 -10.40 14.55 14.05
CA LEU A 156 -11.48 15.15 14.83
C LEU A 156 -12.60 15.49 13.86
N PRO A 157 -13.52 14.54 13.60
CA PRO A 157 -14.41 14.68 12.44
C PRO A 157 -15.29 15.93 12.49
N GLY A 158 -15.45 16.54 11.32
CA GLY A 158 -16.15 17.79 11.13
C GLY A 158 -15.25 19.01 11.20
N ASN A 159 -14.31 19.01 12.16
CA ASN A 159 -13.45 20.12 12.49
C ASN A 159 -12.30 20.20 11.48
N PRO A 160 -12.28 21.24 10.63
CA PRO A 160 -11.27 21.31 9.55
C PRO A 160 -9.83 21.46 10.04
N GLU A 161 -9.61 21.70 11.32
CA GLU A 161 -8.24 21.80 11.82
C GLU A 161 -7.59 20.45 11.98
N ALA A 162 -8.37 19.37 11.92
CA ALA A 162 -7.90 18.00 11.90
C ALA A 162 -9.05 17.11 11.44
N PRO A 163 -9.52 17.25 10.20
CA PRO A 163 -10.69 16.50 9.78
C PRO A 163 -10.42 15.03 9.59
N GLY A 164 -9.16 14.64 9.40
CA GLY A 164 -8.83 13.27 9.07
C GLY A 164 -8.55 13.09 7.59
N ASN A 165 -7.88 12.00 7.27
CA ASN A 165 -7.61 11.61 5.89
C ASN A 165 -6.78 12.65 5.12
N MET A 166 -6.01 13.49 5.82
CA MET A 166 -5.12 14.42 5.13
C MET A 166 -4.19 13.69 4.15
N GLY A 167 -3.58 12.58 4.57
CA GLY A 167 -2.71 11.84 3.67
C GLY A 167 -3.43 11.32 2.43
N LEU A 168 -4.70 10.92 2.58
CA LEU A 168 -5.48 10.57 1.40
C LEU A 168 -5.71 11.81 0.53
N PHE A 169 -5.98 12.96 1.15
CA PHE A 169 -6.15 14.18 0.38
C PHE A 169 -4.83 14.65 -0.21
N ASP A 170 -3.71 14.29 0.42
CA ASP A 170 -2.39 14.45 -0.21
C ASP A 170 -2.33 13.64 -1.50
N GLN A 171 -2.57 12.33 -1.41
CA GLN A 171 -2.69 11.50 -2.62
C GLN A 171 -3.62 12.16 -3.63
N GLN A 172 -4.78 12.63 -3.18
CA GLN A 172 -5.77 13.09 -4.13
C GLN A 172 -5.34 14.40 -4.78
N LEU A 173 -4.56 15.20 -4.09
CA LEU A 173 -4.04 16.40 -4.73
C LEU A 173 -3.06 16.04 -5.83
N ALA A 174 -2.23 15.00 -5.61
CA ALA A 174 -1.22 14.61 -6.58
C ALA A 174 -1.87 14.08 -7.85
N LEU A 175 -2.90 13.24 -7.70
CA LEU A 175 -3.69 12.82 -8.86
C LEU A 175 -4.15 14.03 -9.66
N GLN A 176 -4.63 15.05 -8.94
CA GLN A 176 -4.96 16.33 -9.57
C GLN A 176 -3.78 16.90 -10.34
N TRP A 177 -2.60 16.96 -9.69
CA TRP A 177 -1.42 17.52 -10.36
C TRP A 177 -1.15 16.83 -11.68
N VAL A 178 -1.28 15.50 -11.70
CA VAL A 178 -1.12 14.75 -12.93
C VAL A 178 -2.14 15.19 -13.97
N GLN A 179 -3.40 15.36 -13.58
CA GLN A 179 -4.43 15.69 -14.55
C GLN A 179 -4.16 17.05 -15.21
N LYS A 180 -3.56 18.00 -14.48
CA LYS A 180 -3.34 19.32 -15.05
C LYS A 180 -2.00 19.46 -15.77
N ASN A 181 -1.07 18.53 -15.57
CA ASN A 181 0.33 18.78 -15.94
C ASN A 181 0.95 17.66 -16.76
N ILE A 182 0.50 16.42 -16.57
CA ILE A 182 1.15 15.30 -17.22
C ILE A 182 1.03 15.38 -18.74
N ALA A 183 0.01 16.08 -19.26
CA ALA A 183 -0.06 16.31 -20.70
C ALA A 183 1.23 16.97 -21.18
N ALA A 184 1.77 17.93 -20.42
CA ALA A 184 3.00 18.60 -20.83
C ALA A 184 4.19 17.66 -20.88
N PHE A 185 4.12 16.51 -20.22
CA PHE A 185 5.23 15.56 -20.17
C PHE A 185 5.14 14.46 -21.24
N GLY A 186 4.06 14.41 -22.00
CA GLY A 186 3.85 13.31 -22.90
C GLY A 186 2.84 12.28 -22.44
N GLY A 187 2.29 12.43 -21.23
CA GLY A 187 1.33 11.48 -20.71
C GLY A 187 -0.10 11.83 -21.05
N ASN A 188 -0.95 10.79 -21.05
CA ASN A 188 -2.37 10.89 -21.34
C ASN A 188 -3.18 10.97 -20.04
N PRO A 189 -3.64 12.15 -19.63
CA PRO A 189 -4.53 12.23 -18.46
C PRO A 189 -5.76 11.32 -18.55
N LYS A 190 -6.15 10.90 -19.74
CA LYS A 190 -7.28 9.99 -19.83
C LYS A 190 -6.91 8.54 -19.60
N SER A 191 -5.65 8.26 -19.26
CA SER A 191 -5.17 6.88 -19.19
C SER A 191 -4.25 6.70 -18.00
N VAL A 192 -4.81 6.92 -16.82
CA VAL A 192 -4.07 6.95 -15.55
C VAL A 192 -4.45 5.69 -14.78
N THR A 193 -3.46 4.88 -14.42
CA THR A 193 -3.75 3.69 -13.65
C THR A 193 -3.12 3.84 -12.27
N LEU A 194 -3.96 3.83 -11.24
CA LEU A 194 -3.49 3.81 -9.87
C LEU A 194 -3.01 2.41 -9.53
N PHE A 195 -1.83 2.33 -8.90
CA PHE A 195 -1.44 1.07 -8.28
C PHE A 195 -0.69 1.34 -6.98
N GLY A 196 -0.79 0.38 -6.06
CA GLY A 196 -0.21 0.49 -4.73
C GLY A 196 -0.19 -0.87 -4.08
N GLU A 197 0.51 -0.95 -2.94
CA GLU A 197 0.67 -2.19 -2.20
C GLU A 197 0.41 -1.95 -0.72
N SER A 198 -0.10 -3.00 -0.04
CA SER A 198 -0.44 -2.90 1.38
C SER A 198 -1.35 -1.69 1.65
N ALA A 199 -0.93 -0.77 2.52
CA ALA A 199 -1.75 0.39 2.80
C ALA A 199 -1.91 1.25 1.55
N GLY A 200 -0.87 1.29 0.70
CA GLY A 200 -1.03 1.85 -0.63
C GLY A 200 -2.20 1.24 -1.39
N ALA A 201 -2.27 -0.09 -1.41
CA ALA A 201 -3.40 -0.77 -2.03
C ALA A 201 -4.72 -0.43 -1.33
N ALA A 202 -4.73 -0.43 0.01
CA ALA A 202 -5.92 0.05 0.70
C ALA A 202 -6.26 1.46 0.23
N SER A 203 -5.26 2.35 0.16
CA SER A 203 -5.50 3.67 -0.38
C SER A 203 -6.16 3.62 -1.76
N VAL A 204 -5.70 2.73 -2.64
CA VAL A 204 -6.25 2.71 -3.98
C VAL A 204 -7.71 2.34 -3.93
N SER A 205 -8.06 1.32 -3.15
CA SER A 205 -9.45 0.97 -2.97
C SER A 205 -10.28 2.15 -2.46
N LEU A 206 -9.69 3.02 -1.65
CA LEU A 206 -10.50 4.11 -1.10
C LEU A 206 -10.73 5.21 -2.12
N HIS A 207 -9.78 5.40 -3.03
CA HIS A 207 -9.96 6.32 -4.14
C HIS A 207 -11.02 5.83 -5.11
N LEU A 208 -11.15 4.51 -5.26
CA LEU A 208 -12.31 3.95 -5.94
C LEU A 208 -13.61 4.32 -5.27
N LEU A 209 -13.61 4.55 -3.97
CA LEU A 209 -14.86 4.90 -3.30
C LEU A 209 -15.07 6.40 -3.15
N SER A 210 -13.99 7.18 -3.14
CA SER A 210 -14.13 8.62 -2.89
C SER A 210 -14.61 9.31 -4.16
N PRO A 211 -15.75 9.98 -4.13
CA PRO A 211 -16.26 10.62 -5.35
C PRO A 211 -15.28 11.64 -5.92
N GLY A 212 -14.58 12.37 -5.04
CA GLY A 212 -13.59 13.34 -5.46
C GLY A 212 -12.39 12.75 -6.15
N SER A 213 -12.29 11.43 -6.24
CA SER A 213 -11.24 10.83 -7.04
C SER A 213 -11.74 10.14 -8.30
N HIS A 214 -13.06 10.12 -8.53
N HIS A 214 -13.04 10.10 -8.53
CA HIS A 214 -13.63 9.33 -9.62
CA HIS A 214 -13.55 9.28 -9.62
C HIS A 214 -13.07 9.74 -10.97
C HIS A 214 -13.02 9.74 -10.97
N SER A 215 -12.84 11.03 -11.17
CA SER A 215 -12.45 11.57 -12.47
C SER A 215 -10.94 11.72 -12.63
N LEU A 216 -10.14 11.29 -11.64
CA LEU A 216 -8.71 11.53 -11.63
C LEU A 216 -7.91 10.33 -12.08
N PHE A 217 -8.56 9.19 -12.34
CA PHE A 217 -7.85 8.01 -12.78
C PHE A 217 -8.81 7.13 -13.55
N THR A 218 -8.24 6.20 -14.32
CA THR A 218 -9.00 5.29 -15.16
C THR A 218 -9.22 3.93 -14.51
N ARG A 219 -8.15 3.23 -14.20
CA ARG A 219 -8.17 1.89 -13.67
C ARG A 219 -7.37 1.86 -12.39
N ALA A 220 -7.32 0.67 -11.77
CA ALA A 220 -6.66 0.56 -10.48
C ALA A 220 -6.18 -0.87 -10.27
N ILE A 221 -4.98 -0.99 -9.69
CA ILE A 221 -4.36 -2.26 -9.35
C ILE A 221 -4.12 -2.29 -7.84
N LEU A 222 -4.58 -3.36 -7.16
CA LEU A 222 -4.49 -3.47 -5.69
C LEU A 222 -3.60 -4.64 -5.28
N GLN A 223 -2.40 -4.35 -4.76
CA GLN A 223 -1.46 -5.41 -4.35
C GLN A 223 -1.48 -5.63 -2.84
N SER A 224 -2.01 -6.78 -2.39
CA SER A 224 -2.10 -7.16 -0.97
C SER A 224 -2.63 -6.02 -0.11
N GLY A 225 -3.88 -5.63 -0.36
CA GLY A 225 -4.43 -4.54 0.42
C GLY A 225 -5.79 -4.09 -0.07
N SER A 226 -6.73 -3.83 0.85
CA SER A 226 -8.01 -3.28 0.44
C SER A 226 -8.63 -2.64 1.67
N PHE A 227 -9.56 -1.69 1.44
CA PHE A 227 -10.09 -0.93 2.58
C PHE A 227 -10.83 -1.84 3.54
N ASN A 228 -11.45 -2.88 3.03
CA ASN A 228 -12.25 -3.75 3.86
C ASN A 228 -11.41 -4.66 4.73
N ALA A 229 -10.08 -4.51 4.72
CA ALA A 229 -9.23 -5.27 5.62
C ALA A 229 -9.30 -4.72 7.05
N PRO A 230 -9.19 -5.57 8.07
CA PRO A 230 -9.47 -5.11 9.44
C PRO A 230 -8.57 -3.98 9.92
N TRP A 231 -7.37 -3.82 9.35
CA TRP A 231 -6.48 -2.75 9.75
C TRP A 231 -6.66 -1.46 8.95
N ALA A 232 -7.47 -1.43 7.90
CA ALA A 232 -7.41 -0.32 6.95
C ALA A 232 -8.21 0.90 7.39
N VAL A 233 -9.23 0.74 8.21
CA VAL A 233 -10.08 1.87 8.58
C VAL A 233 -10.09 1.98 10.09
N THR A 234 -9.81 3.17 10.59
CA THR A 234 -9.98 3.47 12.01
C THR A 234 -11.43 3.89 12.23
N SER A 235 -12.06 3.35 13.26
CA SER A 235 -13.43 3.75 13.54
C SER A 235 -13.46 5.13 14.19
N LEU A 236 -14.63 5.75 14.18
CA LEU A 236 -14.76 7.08 14.79
C LEU A 236 -14.55 7.03 16.30
N TYR A 237 -14.93 5.92 16.94
CA TYR A 237 -14.63 5.70 18.35
C TYR A 237 -13.12 5.71 18.53
N GLU A 238 -12.44 4.72 17.95
CA GLU A 238 -10.99 4.61 18.10
C GLU A 238 -10.29 5.95 17.83
N ALA A 239 -10.72 6.66 16.79
CA ALA A 239 -9.99 7.87 16.43
C ALA A 239 -10.08 8.93 17.51
N ARG A 240 -11.25 9.07 18.15
CA ARG A 240 -11.36 10.05 19.22
C ARG A 240 -10.54 9.64 20.44
N ASN A 241 -10.68 8.38 20.91
CA ASN A 241 -9.89 7.96 22.05
C ASN A 241 -8.41 8.14 21.75
N ARG A 242 -8.01 7.81 20.52
CA ARG A 242 -6.61 7.93 20.13
C ARG A 242 -6.17 9.39 20.09
N THR A 243 -6.95 10.24 19.39
CA THR A 243 -6.69 11.67 19.40
C THR A 243 -6.66 12.22 20.83
N LEU A 244 -7.68 11.93 21.63
CA LEU A 244 -7.72 12.48 22.98
C LEU A 244 -6.54 12.00 23.80
N ASN A 245 -6.19 10.72 23.66
CA ASN A 245 -5.01 10.17 24.34
C ASN A 245 -3.76 10.93 23.93
N LEU A 246 -3.56 11.12 22.62
CA LEU A 246 -2.40 11.88 22.17
C LEU A 246 -2.34 13.29 22.78
N ALA A 247 -3.50 13.89 23.08
CA ALA A 247 -3.52 15.16 23.79
C ALA A 247 -3.02 15.01 25.22
N LYS A 248 -3.50 13.99 25.92
CA LYS A 248 -3.03 13.74 27.28
C LYS A 248 -1.53 13.49 27.30
N LEU A 249 -1.02 12.66 26.38
CA LEU A 249 0.40 12.37 26.35
C LEU A 249 1.25 13.60 26.04
N THR A 250 0.67 14.67 25.55
CA THR A 250 1.41 15.88 25.27
C THR A 250 1.02 17.02 26.20
N GLY A 251 0.17 16.77 27.18
CA GLY A 251 -0.30 17.87 28.01
C GLY A 251 -1.09 18.88 27.23
N CYS A 252 -1.79 18.44 26.20
CA CYS A 252 -2.58 19.29 25.33
C CYS A 252 -4.07 19.07 25.54
N SER A 253 -4.43 18.33 26.59
CA SER A 253 -5.84 18.15 26.90
C SER A 253 -6.47 19.51 27.15
N ARG A 254 -7.49 19.83 26.36
CA ARG A 254 -8.27 21.03 26.54
C ARG A 254 -9.75 20.68 26.42
N GLU A 255 -10.60 21.67 26.66
CA GLU A 255 -12.04 21.48 26.50
C GLU A 255 -12.54 21.95 25.14
N ASN A 256 -12.22 23.18 24.75
CA ASN A 256 -12.48 23.64 23.39
C ASN A 256 -11.71 22.77 22.42
N GLU A 257 -12.43 22.06 21.55
CA GLU A 257 -11.81 21.07 20.68
C GLU A 257 -10.69 21.67 19.84
N THR A 258 -10.86 22.92 19.41
CA THR A 258 -9.83 23.55 18.57
C THR A 258 -8.59 23.91 19.38
N GLU A 259 -8.77 24.35 20.64
CA GLU A 259 -7.62 24.68 21.47
C GLU A 259 -6.71 23.46 21.66
N ILE A 260 -7.24 22.25 21.51
CA ILE A 260 -6.38 21.07 21.54
C ILE A 260 -5.44 21.06 20.35
N ILE A 261 -5.99 21.26 19.14
CA ILE A 261 -5.16 21.22 17.93
C ILE A 261 -4.07 22.27 18.03
N LYS A 262 -4.48 23.53 18.24
CA LYS A 262 -3.51 24.62 18.35
C LYS A 262 -2.35 24.24 19.26
N CYS A 263 -2.63 23.50 20.33
CA CYS A 263 -1.57 23.06 21.23
C CYS A 263 -0.65 22.05 20.54
N LEU A 264 -1.23 21.08 19.83
CA LEU A 264 -0.36 20.15 19.15
C LEU A 264 0.42 20.79 18.00
N ARG A 265 0.07 21.99 17.56
CA ARG A 265 0.78 22.60 16.45
C ARG A 265 2.02 23.40 16.86
N ASN A 266 2.18 23.68 18.14
CA ASN A 266 3.44 24.25 18.60
C ASN A 266 4.42 23.19 19.07
N LYS A 267 3.98 21.93 19.13
CA LYS A 267 4.86 20.83 19.45
C LYS A 267 5.72 20.47 18.23
N ASP A 268 6.91 19.96 18.51
CA ASP A 268 7.86 19.50 17.50
C ASP A 268 7.48 18.12 16.98
N PRO A 269 7.78 17.82 15.72
CA PRO A 269 7.34 16.54 15.15
C PRO A 269 7.75 15.30 15.95
N GLN A 270 8.89 15.33 16.68
CA GLN A 270 9.33 14.13 17.37
CA GLN A 270 9.34 14.13 17.38
C GLN A 270 8.48 13.84 18.60
N GLU A 271 8.01 14.89 19.29
CA GLU A 271 7.14 14.68 20.44
C GLU A 271 5.86 13.96 20.03
N ILE A 272 5.34 14.30 18.85
CA ILE A 272 4.13 13.65 18.36
C ILE A 272 4.45 12.24 17.87
N LEU A 273 5.60 12.08 17.22
CA LEU A 273 5.97 10.75 16.74
C LEU A 273 6.16 9.79 17.90
N LEU A 274 6.77 10.26 19.00
CA LEU A 274 7.10 9.37 20.10
C LEU A 274 5.86 8.87 20.83
N ASN A 275 4.85 9.71 20.96
CA ASN A 275 3.65 9.34 21.70
C ASN A 275 2.66 8.52 20.87
N GLU A 276 2.90 8.37 19.57
CA GLU A 276 1.95 7.63 18.72
C GLU A 276 1.83 6.17 19.16
N ALA A 277 2.90 5.59 19.73
CA ALA A 277 2.87 4.17 20.07
C ALA A 277 1.78 3.86 21.10
N PHE A 278 1.64 4.72 22.10
CA PHE A 278 0.89 4.41 23.31
C PHE A 278 -0.56 4.89 23.28
N VAL A 279 -1.05 5.43 22.16
CA VAL A 279 -2.43 5.88 22.18
C VAL A 279 -3.37 4.68 22.16
N VAL A 280 -2.89 3.53 21.72
CA VAL A 280 -3.65 2.29 21.81
C VAL A 280 -3.19 1.58 23.08
N PRO A 281 -4.11 1.18 23.95
CA PRO A 281 -3.68 0.52 25.19
C PRO A 281 -2.96 -0.78 24.90
N TYR A 282 -3.72 -1.77 24.47
CA TYR A 282 -3.16 -2.99 23.91
C TYR A 282 -3.04 -2.82 22.40
N GLY A 283 -1.89 -3.14 21.85
CA GLY A 283 -1.77 -3.03 20.41
C GLY A 283 -1.40 -4.35 19.76
N THR A 284 -1.66 -4.48 18.48
CA THR A 284 -1.15 -5.60 17.68
C THR A 284 0.07 -5.16 16.91
N PRO A 285 0.85 -6.09 16.36
CA PRO A 285 1.94 -5.66 15.47
C PRO A 285 1.43 -4.86 14.28
N LEU A 286 0.39 -5.34 13.58
CA LEU A 286 -0.26 -4.55 12.54
C LEU A 286 -1.07 -3.40 13.10
N SER A 287 -0.46 -2.50 13.87
CA SER A 287 -1.20 -1.43 14.53
C SER A 287 -1.10 -0.14 13.72
N VAL A 288 -2.21 0.22 13.08
CA VAL A 288 -2.33 1.51 12.41
C VAL A 288 -2.98 2.45 13.42
N ASN A 289 -2.13 3.12 14.19
CA ASN A 289 -2.62 3.99 15.25
C ASN A 289 -3.46 5.13 14.69
N PHE A 290 -3.04 5.71 13.55
CA PHE A 290 -3.74 6.82 12.91
C PHE A 290 -3.98 6.47 11.46
N GLY A 291 -5.22 6.14 11.12
CA GLY A 291 -5.53 5.65 9.80
C GLY A 291 -6.67 6.37 9.12
N PRO A 292 -7.11 5.83 8.00
CA PRO A 292 -8.27 6.42 7.32
C PRO A 292 -9.51 6.31 8.18
N THR A 293 -10.33 7.36 8.17
CA THR A 293 -11.57 7.35 8.92
C THR A 293 -12.71 7.79 8.02
N VAL A 294 -13.94 7.62 8.53
CA VAL A 294 -15.10 8.12 7.81
C VAL A 294 -15.23 9.60 8.15
N ASP A 295 -14.59 10.45 7.36
CA ASP A 295 -14.55 11.86 7.70
C ASP A 295 -15.80 12.63 7.30
N GLY A 296 -16.47 12.21 6.21
CA GLY A 296 -17.52 12.99 5.62
C GLY A 296 -17.08 13.87 4.47
N ASP A 297 -15.79 13.88 4.15
CA ASP A 297 -15.29 14.61 2.99
C ASP A 297 -14.77 13.60 1.98
N PHE A 298 -13.66 12.92 2.28
CA PHE A 298 -13.14 11.89 1.39
C PHE A 298 -14.05 10.67 1.40
N LEU A 299 -14.41 10.19 2.59
CA LEU A 299 -15.38 9.12 2.77
C LEU A 299 -16.67 9.69 3.32
N THR A 300 -17.78 9.42 2.63
CA THR A 300 -19.06 10.00 3.05
C THR A 300 -19.86 9.08 3.95
N ASP A 301 -19.62 7.77 3.85
CA ASP A 301 -20.28 6.72 4.62
C ASP A 301 -19.22 5.73 5.05
N MET A 302 -19.63 4.71 5.81
CA MET A 302 -18.71 3.60 6.05
C MET A 302 -18.51 2.80 4.76
N PRO A 303 -17.27 2.43 4.46
CA PRO A 303 -17.00 1.90 3.12
C PRO A 303 -17.59 0.52 2.90
N ASP A 304 -17.64 -0.32 3.93
CA ASP A 304 -18.24 -1.64 3.74
C ASP A 304 -19.67 -1.54 3.23
N ILE A 305 -20.41 -0.51 3.66
CA ILE A 305 -21.74 -0.33 3.08
C ILE A 305 -21.62 0.06 1.61
N LEU A 306 -20.87 1.13 1.32
CA LEU A 306 -20.69 1.58 -0.07
C LEU A 306 -20.29 0.43 -0.98
N LEU A 307 -19.31 -0.37 -0.54
CA LEU A 307 -18.93 -1.57 -1.29
C LEU A 307 -20.12 -2.49 -1.53
N GLU A 308 -20.88 -2.79 -0.47
CA GLU A 308 -22.02 -3.70 -0.57
C GLU A 308 -23.10 -3.16 -1.51
N LEU A 309 -23.25 -1.84 -1.59
CA LEU A 309 -24.36 -1.25 -2.32
C LEU A 309 -23.94 -0.60 -3.64
N GLY A 310 -22.72 -0.87 -4.11
CA GLY A 310 -22.33 -0.45 -5.44
C GLY A 310 -21.95 0.99 -5.60
N GLN A 311 -21.51 1.65 -4.54
CA GLN A 311 -21.18 3.06 -4.62
C GLN A 311 -19.68 3.22 -4.82
N PHE A 312 -19.24 2.91 -6.04
CA PHE A 312 -17.84 3.11 -6.39
C PHE A 312 -17.69 3.35 -7.87
N LYS A 313 -16.54 3.91 -8.24
CA LYS A 313 -16.16 4.05 -9.65
C LYS A 313 -16.26 2.70 -10.37
N LYS A 314 -17.05 2.68 -11.45
CA LYS A 314 -17.18 1.50 -12.29
C LYS A 314 -16.02 1.50 -13.28
N THR A 315 -15.12 0.51 -13.14
CA THR A 315 -13.91 0.43 -13.97
C THR A 315 -13.30 -0.95 -13.75
N GLN A 316 -12.20 -1.23 -14.43
CA GLN A 316 -11.56 -2.53 -14.23
C GLN A 316 -10.62 -2.49 -13.04
N ILE A 317 -10.53 -3.62 -12.34
CA ILE A 317 -9.54 -3.74 -11.27
C ILE A 317 -8.71 -5.00 -11.42
N LEU A 318 -7.46 -4.88 -10.94
CA LEU A 318 -6.47 -5.96 -10.86
C LEU A 318 -6.06 -6.12 -9.41
N VAL A 319 -6.34 -7.29 -8.83
CA VAL A 319 -6.12 -7.51 -7.40
C VAL A 319 -5.38 -8.82 -7.20
N GLY A 320 -4.56 -8.88 -6.15
CA GLY A 320 -3.83 -10.09 -5.84
C GLY A 320 -3.14 -10.01 -4.49
N VAL A 321 -2.59 -11.15 -4.10
CA VAL A 321 -1.98 -11.35 -2.78
C VAL A 321 -0.80 -12.30 -2.96
N ASN A 322 0.02 -12.40 -1.91
CA ASN A 322 1.18 -13.27 -1.83
C ASN A 322 0.87 -14.50 -0.99
N LYS A 323 1.63 -15.58 -1.24
CA LYS A 323 1.37 -16.88 -0.61
C LYS A 323 1.46 -16.79 0.91
N ASP A 324 2.51 -16.15 1.43
CA ASP A 324 2.72 -16.11 2.87
C ASP A 324 2.65 -14.67 3.41
N GLU A 325 1.48 -14.04 3.23
CA GLU A 325 1.29 -12.67 3.69
C GLU A 325 1.53 -12.51 5.19
N GLY A 326 1.19 -13.53 5.99
CA GLY A 326 1.18 -13.34 7.43
C GLY A 326 2.52 -13.51 8.15
N THR A 327 3.53 -14.10 7.50
CA THR A 327 4.75 -14.47 8.22
C THR A 327 5.49 -13.24 8.77
N ALA A 328 5.55 -12.17 7.98
CA ALA A 328 6.31 -10.97 8.37
C ALA A 328 5.96 -10.52 9.78
N PHE A 329 4.71 -10.67 10.17
CA PHE A 329 4.27 -10.11 11.43
C PHE A 329 4.58 -10.99 12.61
N LEU A 330 4.91 -12.26 12.36
CA LEU A 330 5.13 -13.17 13.48
C LEU A 330 6.42 -12.89 14.22
N VAL A 331 7.41 -12.26 13.57
CA VAL A 331 8.67 -11.98 14.25
C VAL A 331 8.68 -10.60 14.89
N TYR A 332 7.56 -9.87 14.84
CA TYR A 332 7.39 -8.57 15.48
C TYR A 332 6.52 -8.67 16.74
N GLY A 333 6.58 -9.79 17.44
CA GLY A 333 5.88 -9.88 18.72
C GLY A 333 5.41 -11.27 19.09
N ALA A 334 5.32 -12.16 18.13
CA ALA A 334 4.75 -13.46 18.43
C ALA A 334 5.75 -14.32 19.21
N PRO A 335 5.31 -14.97 20.28
CA PRO A 335 6.24 -15.73 21.11
C PRO A 335 6.75 -16.97 20.40
N GLY A 336 8.03 -17.27 20.60
CA GLY A 336 8.67 -18.43 20.01
C GLY A 336 9.22 -18.23 18.62
N PHE A 337 8.98 -17.07 18.01
CA PHE A 337 9.40 -16.75 16.66
C PHE A 337 10.66 -15.89 16.68
N SER A 338 11.43 -15.99 15.60
CA SER A 338 12.45 -15.00 15.29
C SER A 338 12.96 -15.27 13.89
N LYS A 339 13.46 -14.22 13.24
CA LYS A 339 14.08 -14.43 11.94
C LYS A 339 15.37 -15.26 12.02
N ASP A 340 15.86 -15.63 13.20
CA ASP A 340 17.15 -16.28 13.33
C ASP A 340 17.05 -17.75 13.74
N ASN A 341 15.85 -18.34 13.72
CA ASN A 341 15.68 -19.79 13.80
C ASN A 341 14.37 -20.13 13.10
N ASN A 342 14.15 -21.44 12.89
CA ASN A 342 12.97 -21.89 12.15
C ASN A 342 11.67 -21.75 12.95
N SER A 343 11.74 -21.28 14.19
CA SER A 343 10.56 -20.83 14.92
C SER A 343 9.53 -21.94 15.11
N ILE A 344 9.99 -23.17 15.31
CA ILE A 344 9.07 -24.24 15.66
C ILE A 344 8.43 -23.87 17.00
N ILE A 345 7.12 -23.63 17.00
CA ILE A 345 6.42 -23.27 18.22
C ILE A 345 5.49 -24.42 18.61
N THR A 346 4.94 -24.31 19.82
CA THR A 346 4.07 -25.32 20.41
C THR A 346 2.62 -24.85 20.41
N ARG A 347 1.72 -25.80 20.68
CA ARG A 347 0.32 -25.45 20.89
C ARG A 347 0.18 -24.29 21.87
N LYS A 348 0.97 -24.30 22.95
CA LYS A 348 0.89 -23.22 23.93
C LYS A 348 1.38 -21.91 23.33
N GLU A 349 2.50 -21.95 22.60
CA GLU A 349 2.98 -20.72 21.96
C GLU A 349 2.01 -20.25 20.90
N PHE A 350 1.26 -21.18 20.31
CA PHE A 350 0.27 -20.80 19.30
C PHE A 350 -0.89 -20.03 19.92
N GLN A 351 -1.47 -20.60 20.99
CA GLN A 351 -2.54 -19.92 21.71
C GLN A 351 -2.07 -18.56 22.21
N GLU A 352 -0.85 -18.52 22.75
CA GLU A 352 -0.27 -17.26 23.19
C GLU A 352 -0.26 -16.24 22.05
N GLY A 353 0.15 -16.67 20.86
CA GLY A 353 0.21 -15.75 19.73
C GLY A 353 -1.15 -15.22 19.30
N LEU A 354 -2.21 -16.00 19.52
CA LEU A 354 -3.53 -15.48 19.20
C LEU A 354 -3.87 -14.28 20.09
N LYS A 355 -3.55 -14.34 21.39
CA LYS A 355 -3.77 -13.18 22.25
C LYS A 355 -3.01 -11.96 21.75
N ILE A 356 -1.85 -12.17 21.12
CA ILE A 356 -1.06 -11.06 20.59
C ILE A 356 -1.77 -10.41 19.41
N PHE A 357 -2.25 -11.23 18.47
CA PHE A 357 -2.89 -10.72 17.26
C PHE A 357 -4.39 -10.51 17.38
N PHE A 358 -5.01 -10.92 18.47
CA PHE A 358 -6.45 -10.73 18.66
C PHE A 358 -6.74 -10.32 20.09
N PRO A 359 -6.21 -9.18 20.52
CA PRO A 359 -6.23 -8.85 21.96
C PRO A 359 -7.64 -8.68 22.51
N GLY A 360 -8.45 -7.83 21.91
CA GLY A 360 -9.77 -7.56 22.47
C GLY A 360 -10.84 -8.55 22.06
N VAL A 361 -10.45 -9.79 21.78
CA VAL A 361 -11.37 -10.81 21.26
C VAL A 361 -11.66 -11.81 22.38
N SER A 362 -12.91 -12.28 22.41
CA SER A 362 -13.40 -13.14 23.47
C SER A 362 -12.61 -14.45 23.55
N GLU A 363 -12.69 -15.11 24.72
CA GLU A 363 -12.03 -16.40 24.85
C GLU A 363 -12.55 -17.38 23.82
N PHE A 364 -13.85 -17.30 23.50
CA PHE A 364 -14.46 -18.19 22.52
C PHE A 364 -14.03 -17.84 21.09
N GLY A 365 -13.80 -16.57 20.81
CA GLY A 365 -13.28 -16.18 19.50
C GLY A 365 -11.92 -16.81 19.22
N LYS A 366 -10.98 -16.63 20.14
CA LYS A 366 -9.67 -17.25 19.97
C LYS A 366 -9.81 -18.75 19.80
N GLU A 367 -10.66 -19.40 20.60
CA GLU A 367 -10.82 -20.85 20.46
C GLU A 367 -11.29 -21.19 19.06
N SER A 368 -12.18 -20.38 18.50
CA SER A 368 -12.73 -20.72 17.19
C SER A 368 -11.67 -20.60 16.11
N ILE A 369 -10.79 -19.60 16.21
CA ILE A 369 -9.63 -19.54 15.30
C ILE A 369 -8.80 -20.81 15.44
N LEU A 370 -8.51 -21.24 16.67
CA LEU A 370 -7.69 -22.43 16.84
C LEU A 370 -8.40 -23.66 16.30
N PHE A 371 -9.72 -23.73 16.52
CA PHE A 371 -10.48 -24.89 16.08
C PHE A 371 -10.43 -25.06 14.56
N HIS A 372 -10.46 -23.95 13.81
CA HIS A 372 -10.55 -24.00 12.36
CA HIS A 372 -10.57 -24.06 12.37
C HIS A 372 -9.22 -24.19 11.67
N TYR A 373 -8.10 -23.87 12.35
CA TYR A 373 -6.79 -23.99 11.71
C TYR A 373 -5.94 -25.13 12.24
N THR A 374 -6.26 -25.69 13.40
CA THR A 374 -5.47 -26.77 13.99
C THR A 374 -6.16 -28.12 13.87
N ASP A 375 -6.80 -28.38 12.73
CA ASP A 375 -7.21 -29.72 12.38
C ASP A 375 -6.24 -30.22 11.31
N TRP A 376 -5.10 -30.76 11.77
CA TRP A 376 -4.03 -31.13 10.86
C TRP A 376 -4.28 -32.45 10.17
N VAL A 377 -3.64 -32.60 9.01
CA VAL A 377 -3.50 -33.92 8.40
C VAL A 377 -2.59 -34.79 9.27
N ASP A 378 -1.32 -34.39 9.43
CA ASP A 378 -0.35 -35.14 10.22
C ASP A 378 -0.12 -34.37 11.52
N ASP A 379 -0.56 -34.97 12.64
CA ASP A 379 -0.41 -34.36 13.97
C ASP A 379 1.04 -34.34 14.45
N GLN A 380 1.92 -35.14 13.83
CA GLN A 380 3.32 -35.20 14.23
C GLN A 380 4.17 -34.09 13.61
N ARG A 381 3.69 -33.44 12.53
CA ARG A 381 4.49 -32.43 11.85
C ARG A 381 4.86 -31.31 12.80
N PRO A 382 6.16 -30.95 12.92
CA PRO A 382 6.57 -29.94 13.92
C PRO A 382 6.32 -28.51 13.46
N GLU A 383 6.25 -28.28 12.16
CA GLU A 383 5.99 -26.94 11.65
C GLU A 383 4.53 -26.55 11.78
N ASN A 384 3.69 -27.47 12.27
CA ASN A 384 2.23 -27.31 12.18
C ASN A 384 1.78 -25.98 12.79
N TYR A 385 2.08 -25.78 14.08
CA TYR A 385 1.61 -24.56 14.74
C TYR A 385 2.31 -23.31 14.21
N ARG A 386 3.52 -23.43 13.68
CA ARG A 386 4.21 -22.27 13.12
C ARG A 386 3.51 -21.77 11.85
N GLU A 387 3.17 -22.69 10.95
CA GLU A 387 2.55 -22.27 9.70
C GLU A 387 1.12 -21.82 9.92
N ALA A 388 0.46 -22.38 10.94
CA ALA A 388 -0.93 -22.04 11.20
C ALA A 388 -1.07 -20.60 11.67
N LEU A 389 -0.14 -20.10 12.50
CA LEU A 389 -0.24 -18.72 12.93
C LEU A 389 0.03 -17.76 11.79
N GLY A 390 0.93 -18.13 10.86
CA GLY A 390 1.11 -17.32 9.67
C GLY A 390 -0.13 -17.25 8.80
N ASP A 391 -0.73 -18.40 8.52
CA ASP A 391 -1.95 -18.44 7.72
C ASP A 391 -3.08 -17.66 8.38
N VAL A 392 -3.31 -17.86 9.68
CA VAL A 392 -4.28 -17.07 10.43
C VAL A 392 -4.08 -15.58 10.17
N VAL A 393 -2.87 -15.07 10.40
CA VAL A 393 -2.63 -13.64 10.22
C VAL A 393 -2.84 -13.22 8.78
N GLY A 394 -2.24 -13.97 7.85
CA GLY A 394 -2.33 -13.59 6.45
C GLY A 394 -3.76 -13.69 5.91
N ASP A 395 -4.48 -14.75 6.28
CA ASP A 395 -5.84 -14.91 5.79
C ASP A 395 -6.76 -13.85 6.37
N TYR A 396 -6.60 -13.55 7.65
CA TYR A 396 -7.45 -12.55 8.28
C TYR A 396 -7.12 -11.15 7.79
N ASN A 397 -5.85 -10.86 7.60
CA ASN A 397 -5.47 -9.48 7.42
C ASN A 397 -5.36 -9.06 5.97
N PHE A 398 -5.23 -10.01 5.05
CA PHE A 398 -5.01 -9.62 3.67
C PHE A 398 -5.80 -10.45 2.65
N ILE A 399 -5.63 -11.77 2.69
CA ILE A 399 -6.10 -12.60 1.59
C ILE A 399 -7.63 -12.62 1.54
N CYS A 400 -8.27 -12.81 2.70
CA CYS A 400 -9.72 -12.87 2.65
C CYS A 400 -10.36 -11.50 2.40
N PRO A 401 -9.84 -10.39 2.95
CA PRO A 401 -10.44 -9.10 2.57
C PRO A 401 -10.24 -8.76 1.11
N ALA A 402 -9.07 -9.08 0.55
CA ALA A 402 -8.81 -8.83 -0.86
C ALA A 402 -9.76 -9.65 -1.72
N LEU A 403 -9.93 -10.93 -1.38
CA LEU A 403 -10.87 -11.75 -2.13
C LEU A 403 -12.30 -11.24 -2.00
N GLU A 404 -12.67 -10.71 -0.83
CA GLU A 404 -14.04 -10.27 -0.62
C GLU A 404 -14.30 -8.97 -1.35
N PHE A 405 -13.32 -8.07 -1.33
CA PHE A 405 -13.38 -6.88 -2.16
C PHE A 405 -13.59 -7.25 -3.63
N THR A 406 -12.82 -8.23 -4.12
CA THR A 406 -12.91 -8.56 -5.54
C THR A 406 -14.25 -9.20 -5.89
N LYS A 407 -14.77 -10.10 -5.05
CA LYS A 407 -16.14 -10.59 -5.25
C LYS A 407 -17.12 -9.44 -5.34
N LYS A 408 -17.15 -8.62 -4.28
CA LYS A 408 -18.16 -7.58 -4.18
C LYS A 408 -18.06 -6.62 -5.35
N PHE A 409 -16.86 -6.14 -5.63
CA PHE A 409 -16.69 -5.22 -6.74
C PHE A 409 -17.16 -5.82 -8.05
N SER A 410 -16.87 -7.09 -8.28
CA SER A 410 -17.22 -7.66 -9.56
C SER A 410 -18.73 -7.86 -9.72
N GLU A 411 -19.46 -7.99 -8.61
CA GLU A 411 -20.90 -8.24 -8.67
C GLU A 411 -21.67 -7.14 -9.37
N TRP A 412 -21.03 -6.00 -9.64
CA TRP A 412 -21.65 -4.91 -10.39
C TRP A 412 -21.16 -4.82 -11.83
N GLY A 413 -20.64 -5.93 -12.38
CA GLY A 413 -20.40 -6.02 -13.80
C GLY A 413 -19.02 -5.63 -14.31
N ASN A 414 -18.14 -5.13 -13.46
CA ASN A 414 -16.84 -4.82 -14.03
C ASN A 414 -15.93 -6.04 -14.07
N ASN A 415 -14.99 -5.97 -14.99
CA ASN A 415 -13.95 -6.99 -15.09
C ASN A 415 -12.95 -6.84 -13.95
N ALA A 416 -12.69 -7.95 -13.26
CA ALA A 416 -11.66 -8.04 -12.24
C ALA A 416 -10.74 -9.20 -12.59
N PHE A 417 -9.48 -9.06 -12.21
CA PHE A 417 -8.50 -10.12 -12.37
C PHE A 417 -7.74 -10.31 -11.06
N PHE A 418 -7.70 -11.56 -10.60
CA PHE A 418 -7.04 -11.91 -9.35
C PHE A 418 -5.80 -12.77 -9.61
N TYR A 419 -4.71 -12.42 -8.93
CA TYR A 419 -3.50 -13.22 -8.97
C TYR A 419 -3.15 -13.73 -7.59
N TYR A 420 -2.23 -14.68 -7.58
CA TYR A 420 -1.70 -15.31 -6.37
C TYR A 420 -0.19 -15.45 -6.58
N PHE A 421 0.57 -14.51 -6.04
CA PHE A 421 2.03 -14.51 -6.18
C PHE A 421 2.65 -15.54 -5.25
N GLU A 422 3.34 -16.54 -5.82
CA GLU A 422 3.88 -17.62 -4.99
C GLU A 422 5.34 -17.93 -5.29
N HIS A 423 6.12 -16.92 -5.66
CA HIS A 423 7.54 -17.11 -5.86
C HIS A 423 8.33 -16.39 -4.76
N ARG A 424 9.23 -17.10 -4.11
CA ARG A 424 10.10 -16.49 -3.12
C ARG A 424 11.36 -15.95 -3.77
N SER A 425 11.63 -14.66 -3.56
CA SER A 425 12.77 -14.02 -4.21
C SER A 425 14.06 -14.72 -3.81
N SER A 426 14.98 -14.81 -4.77
CA SER A 426 16.29 -15.39 -4.50
C SER A 426 17.15 -14.45 -3.66
N LYS A 427 16.97 -13.15 -3.81
CA LYS A 427 17.61 -12.16 -2.94
C LYS A 427 16.78 -11.82 -1.71
N LEU A 428 15.88 -12.71 -1.28
CA LEU A 428 15.07 -12.44 -0.09
C LEU A 428 15.93 -12.57 1.17
N PRO A 429 16.04 -11.51 2.01
CA PRO A 429 16.93 -11.58 3.18
C PRO A 429 16.35 -12.31 4.39
N TRP A 430 15.02 -12.40 4.53
CA TRP A 430 14.43 -13.11 5.65
C TRP A 430 14.60 -14.61 5.49
N PRO A 431 14.37 -15.41 6.54
CA PRO A 431 14.62 -16.85 6.44
C PRO A 431 13.55 -17.55 5.61
N GLU A 432 13.81 -18.83 5.33
CA GLU A 432 13.02 -19.55 4.35
C GLU A 432 11.66 -19.97 4.88
N TRP A 433 11.55 -20.31 6.17
CA TRP A 433 10.25 -20.65 6.74
C TRP A 433 9.23 -19.52 6.58
N MET A 434 9.67 -18.29 6.31
CA MET A 434 8.72 -17.19 6.10
C MET A 434 8.18 -17.09 4.68
N GLY A 435 8.70 -17.88 3.74
CA GLY A 435 8.02 -18.06 2.46
C GLY A 435 7.96 -16.82 1.59
N VAL A 436 6.86 -16.71 0.84
CA VAL A 436 6.62 -15.62 -0.11
C VAL A 436 6.03 -14.44 0.66
N MET A 437 6.91 -13.62 1.25
CA MET A 437 6.50 -12.67 2.28
C MET A 437 5.70 -11.49 1.74
N HIS A 438 4.94 -10.88 2.65
CA HIS A 438 4.26 -9.64 2.36
C HIS A 438 5.24 -8.59 1.83
N GLY A 439 4.93 -8.05 0.65
CA GLY A 439 5.67 -6.95 0.06
C GLY A 439 6.80 -7.33 -0.88
N TYR A 440 6.99 -8.62 -1.17
CA TYR A 440 8.15 -9.06 -1.93
C TYR A 440 7.76 -9.52 -3.32
N GLU A 441 6.64 -9.01 -3.80
CA GLU A 441 6.35 -8.97 -5.23
C GLU A 441 6.66 -7.61 -5.83
N ILE A 442 6.84 -6.60 -4.99
CA ILE A 442 7.00 -5.24 -5.49
C ILE A 442 8.16 -5.17 -6.47
N GLU A 443 9.30 -5.78 -6.10
CA GLU A 443 10.48 -5.74 -6.98
C GLU A 443 10.18 -6.43 -8.30
N PHE A 444 9.40 -7.50 -8.28
CA PHE A 444 9.05 -8.12 -9.54
C PHE A 444 8.14 -7.21 -10.37
N VAL A 445 7.24 -6.47 -9.73
CA VAL A 445 6.33 -5.60 -10.47
C VAL A 445 7.08 -4.43 -11.10
N PHE A 446 8.11 -3.93 -10.43
CA PHE A 446 8.89 -2.80 -10.93
C PHE A 446 10.04 -3.21 -11.85
N GLY A 447 10.22 -4.49 -12.10
CA GLY A 447 11.19 -4.89 -13.08
C GLY A 447 12.62 -4.81 -12.63
N LEU A 448 12.85 -4.92 -11.33
CA LEU A 448 14.22 -4.97 -10.84
C LEU A 448 14.97 -6.22 -11.32
N PRO A 449 14.38 -7.41 -11.36
CA PRO A 449 15.10 -8.56 -11.94
C PRO A 449 15.46 -8.40 -13.40
N LEU A 450 14.99 -7.35 -14.07
CA LEU A 450 15.36 -7.17 -15.47
C LEU A 450 16.82 -6.73 -15.60
N GLU A 451 17.41 -6.21 -14.52
CA GLU A 451 18.83 -5.85 -14.51
C GLU A 451 19.64 -7.11 -14.29
N ARG A 452 20.42 -7.48 -15.32
CA ARG A 452 21.25 -8.68 -15.22
C ARG A 452 22.33 -8.51 -14.17
N ARG A 453 22.82 -7.27 -13.99
CA ARG A 453 23.90 -7.00 -13.06
C ARG A 453 23.44 -6.89 -11.62
N ASP A 454 22.57 -7.80 -11.17
CA ASP A 454 21.89 -7.62 -9.89
C ASP A 454 21.73 -8.90 -9.08
N GLN A 455 22.31 -10.02 -9.51
CA GLN A 455 22.28 -11.29 -8.79
C GLN A 455 20.88 -11.91 -8.75
N TYR A 456 19.98 -11.51 -9.64
CA TYR A 456 18.71 -12.21 -9.81
C TYR A 456 18.90 -13.37 -10.79
N THR A 457 18.30 -14.51 -10.48
CA THR A 457 18.36 -15.67 -11.35
C THR A 457 17.74 -15.35 -12.71
N LYS A 458 17.94 -16.27 -13.67
CA LYS A 458 17.38 -16.05 -15.00
C LYS A 458 15.86 -16.17 -14.98
N ALA A 459 15.34 -17.24 -14.37
CA ALA A 459 13.90 -17.42 -14.33
C ALA A 459 13.22 -16.24 -13.64
N GLU A 460 13.91 -15.57 -12.72
CA GLU A 460 13.34 -14.38 -12.11
C GLU A 460 13.25 -13.21 -13.08
N GLU A 461 14.21 -13.09 -14.01
CA GLU A 461 14.05 -12.09 -15.06
C GLU A 461 12.79 -12.34 -15.88
N ILE A 462 12.60 -13.58 -16.32
CA ILE A 462 11.48 -13.85 -17.22
C ILE A 462 10.15 -13.58 -16.51
N LEU A 463 10.05 -13.94 -15.22
CA LEU A 463 8.80 -13.71 -14.50
C LEU A 463 8.50 -12.22 -14.38
N SER A 464 9.52 -11.41 -14.09
CA SER A 464 9.30 -9.97 -13.98
C SER A 464 8.89 -9.37 -15.32
N ARG A 465 9.49 -9.86 -16.41
CA ARG A 465 9.16 -9.38 -17.74
C ARG A 465 7.69 -9.65 -18.08
N SER A 466 7.19 -10.84 -17.72
N SER A 466 7.20 -10.83 -17.72
CA SER A 466 5.79 -11.16 -18.00
CA SER A 466 5.80 -11.16 -18.01
C SER A 466 4.86 -10.38 -17.09
C SER A 466 4.86 -10.40 -17.09
N ILE A 467 5.26 -10.19 -15.83
CA ILE A 467 4.45 -9.39 -14.94
C ILE A 467 4.41 -7.95 -15.42
N VAL A 468 5.55 -7.44 -15.85
CA VAL A 468 5.59 -6.04 -16.28
C VAL A 468 4.75 -5.86 -17.54
N LYS A 469 4.76 -6.86 -18.43
CA LYS A 469 3.85 -6.86 -19.56
C LYS A 469 2.39 -6.82 -19.09
N ARG A 470 1.99 -7.81 -18.28
CA ARG A 470 0.58 -7.90 -17.89
C ARG A 470 0.12 -6.64 -17.17
N TRP A 471 0.96 -6.10 -16.28
CA TRP A 471 0.64 -4.85 -15.59
C TRP A 471 0.47 -3.70 -16.59
N ALA A 472 1.36 -3.60 -17.58
CA ALA A 472 1.28 -2.48 -18.50
C ALA A 472 0.11 -2.64 -19.43
N ASN A 473 -0.15 -3.87 -19.86
CA ASN A 473 -1.30 -4.11 -20.71
C ASN A 473 -2.59 -3.89 -19.96
N PHE A 474 -2.61 -4.14 -18.65
CA PHE A 474 -3.78 -3.75 -17.88
C PHE A 474 -3.93 -2.23 -17.85
N ALA A 475 -2.84 -1.50 -17.65
CA ALA A 475 -2.95 -0.06 -17.58
C ALA A 475 -3.40 0.53 -18.91
N LYS A 476 -2.80 0.11 -20.02
CA LYS A 476 -3.14 0.68 -21.33
C LYS A 476 -4.51 0.21 -21.81
N TYR A 477 -4.87 -1.05 -21.54
CA TYR A 477 -5.99 -1.65 -22.23
C TYR A 477 -7.02 -2.30 -21.33
N GLY A 478 -6.82 -2.29 -20.01
CA GLY A 478 -7.74 -2.97 -19.12
C GLY A 478 -7.76 -4.46 -19.25
N ASN A 479 -6.67 -5.06 -19.77
CA ASN A 479 -6.60 -6.49 -19.99
C ASN A 479 -5.17 -7.00 -19.72
N PRO A 480 -4.94 -7.64 -18.58
CA PRO A 480 -3.55 -7.98 -18.20
C PRO A 480 -3.07 -9.27 -18.84
N GLN A 481 -3.07 -9.31 -20.18
CA GLN A 481 -2.56 -10.48 -20.88
C GLN A 481 -1.13 -10.25 -21.34
N GLU A 482 -0.48 -11.35 -21.69
CA GLU A 482 0.78 -11.37 -22.41
C GLU A 482 0.46 -12.11 -23.69
N THR A 483 0.20 -11.36 -24.76
CA THR A 483 -0.35 -11.95 -25.96
C THR A 483 0.66 -12.71 -26.83
N GLN A 484 1.96 -12.44 -26.70
CA GLN A 484 2.90 -12.92 -27.70
C GLN A 484 3.54 -14.26 -27.36
N ASN A 485 4.26 -14.31 -26.25
CA ASN A 485 5.07 -15.48 -25.91
C ASN A 485 4.24 -16.65 -25.33
N GLN A 486 3.09 -16.97 -25.95
CA GLN A 486 2.28 -18.16 -25.67
C GLN A 486 1.96 -18.30 -24.17
N SER A 487 1.57 -17.19 -23.56
CA SER A 487 1.35 -17.16 -22.14
C SER A 487 -0.02 -17.77 -21.81
N THR A 488 -0.14 -18.24 -20.56
CA THR A 488 -1.45 -18.63 -20.03
C THR A 488 -2.36 -17.42 -20.03
N SER A 489 -3.57 -17.60 -20.55
CA SER A 489 -4.51 -16.49 -20.59
C SER A 489 -5.11 -16.28 -19.22
N TRP A 490 -5.10 -15.02 -18.79
CA TRP A 490 -5.58 -14.65 -17.46
C TRP A 490 -7.09 -14.37 -17.52
N PRO A 491 -7.94 -15.18 -16.88
CA PRO A 491 -9.39 -15.00 -17.02
C PRO A 491 -9.95 -13.98 -16.05
N VAL A 492 -11.19 -13.54 -16.33
CA VAL A 492 -11.78 -12.52 -15.46
C VAL A 492 -12.35 -13.21 -14.22
N PHE A 493 -12.21 -12.52 -13.10
CA PHE A 493 -12.77 -13.00 -11.85
C PHE A 493 -14.27 -12.75 -11.83
N LYS A 494 -15.04 -13.82 -11.75
CA LYS A 494 -16.49 -13.77 -11.67
C LYS A 494 -16.91 -14.35 -10.33
N SER A 495 -18.04 -13.84 -9.82
CA SER A 495 -18.41 -14.21 -8.46
C SER A 495 -18.82 -15.68 -8.38
N THR A 496 -19.29 -16.25 -9.48
CA THR A 496 -19.56 -17.68 -9.51
C THR A 496 -18.25 -18.49 -9.44
N GLU A 497 -17.48 -18.54 -10.54
CA GLU A 497 -16.39 -19.50 -10.63
C GLU A 497 -15.16 -19.08 -9.84
N GLN A 498 -14.93 -17.77 -9.70
CA GLN A 498 -13.83 -17.22 -8.93
C GLN A 498 -12.47 -17.76 -9.40
N LYS A 499 -12.15 -17.52 -10.65
CA LYS A 499 -10.88 -17.98 -11.20
C LYS A 499 -9.79 -16.96 -10.90
N TYR A 500 -8.57 -17.47 -10.68
CA TYR A 500 -7.40 -16.61 -10.47
C TYR A 500 -6.17 -17.23 -11.13
N LEU A 501 -5.14 -16.38 -11.30
CA LEU A 501 -3.90 -16.75 -11.98
C LEU A 501 -2.76 -16.83 -10.96
N THR A 502 -2.01 -17.94 -11.00
CA THR A 502 -0.82 -18.06 -10.16
C THR A 502 0.39 -17.53 -10.92
N LEU A 503 1.27 -16.84 -10.18
CA LEU A 503 2.53 -16.29 -10.69
C LEU A 503 3.66 -16.96 -9.94
N ASN A 504 4.34 -17.87 -10.62
CA ASN A 504 5.61 -18.37 -10.12
C ASN A 504 6.49 -18.71 -11.31
N THR A 505 7.76 -19.00 -11.02
CA THR A 505 8.74 -19.23 -12.08
C THR A 505 8.50 -20.55 -12.81
N GLU A 506 8.02 -21.57 -12.10
CA GLU A 506 7.80 -22.86 -12.73
C GLU A 506 6.63 -22.80 -13.69
N SER A 507 5.43 -22.61 -13.16
CA SER A 507 4.20 -22.75 -13.92
C SER A 507 3.43 -21.42 -13.93
N THR A 508 2.30 -21.43 -14.60
CA THR A 508 1.32 -20.36 -14.49
C THR A 508 -0.03 -21.03 -14.69
N ARG A 509 -0.73 -21.25 -13.60
CA ARG A 509 -1.92 -22.08 -13.60
C ARG A 509 -3.18 -21.24 -13.34
N ILE A 510 -4.30 -21.80 -13.80
CA ILE A 510 -5.62 -21.22 -13.56
C ILE A 510 -6.30 -22.04 -12.49
N MET A 511 -6.67 -21.40 -11.39
CA MET A 511 -7.23 -22.11 -10.27
C MET A 511 -8.49 -21.39 -9.82
N THR A 512 -9.24 -22.04 -8.95
CA THR A 512 -10.54 -21.52 -8.57
C THR A 512 -10.68 -21.49 -7.07
N LYS A 513 -11.23 -20.38 -6.58
CA LYS A 513 -11.78 -20.28 -5.23
C LYS A 513 -10.71 -20.36 -4.16
N LEU A 514 -9.72 -19.47 -4.27
CA LEU A 514 -8.64 -19.38 -3.31
C LEU A 514 -9.13 -19.30 -1.86
N ARG A 515 -8.50 -20.11 -0.99
CA ARG A 515 -8.73 -20.16 0.46
C ARG A 515 -10.21 -20.27 0.81
N ALA A 516 -10.94 -21.08 0.05
CA ALA A 516 -12.40 -21.13 0.18
C ALA A 516 -12.86 -21.36 1.61
N GLN A 517 -12.47 -22.49 2.19
CA GLN A 517 -12.85 -22.82 3.57
C GLN A 517 -12.39 -21.72 4.54
N GLN A 518 -11.13 -21.31 4.42
CA GLN A 518 -10.57 -20.26 5.26
C GLN A 518 -11.37 -18.95 5.19
N CYS A 519 -11.94 -18.61 4.04
CA CYS A 519 -12.55 -17.29 3.97
C CYS A 519 -14.02 -17.30 4.34
N ARG A 520 -14.70 -18.45 4.23
CA ARG A 520 -16.04 -18.52 4.81
C ARG A 520 -15.98 -18.34 6.32
N PHE A 521 -14.88 -18.78 6.94
CA PHE A 521 -14.70 -18.55 8.37
C PHE A 521 -14.49 -17.07 8.66
N TRP A 522 -13.46 -16.48 8.08
CA TRP A 522 -13.14 -15.10 8.44
C TRP A 522 -14.19 -14.10 8.01
N THR A 523 -14.97 -14.43 6.99
CA THR A 523 -15.87 -13.46 6.38
C THR A 523 -17.32 -13.66 6.77
N SER A 524 -17.72 -14.87 7.11
CA SER A 524 -19.10 -15.17 7.45
C SER A 524 -19.29 -15.61 8.90
N PHE A 525 -18.35 -16.32 9.49
CA PHE A 525 -18.46 -16.68 10.90
C PHE A 525 -17.84 -15.61 11.79
N PHE A 526 -16.54 -15.35 11.61
CA PHE A 526 -15.78 -14.59 12.61
C PHE A 526 -16.26 -13.16 12.88
N PRO A 527 -16.79 -12.40 11.92
CA PRO A 527 -17.34 -11.06 12.28
C PRO A 527 -18.49 -11.10 13.31
N LYS A 528 -19.10 -12.25 13.55
CA LYS A 528 -20.15 -12.32 14.57
C LYS A 528 -19.60 -12.20 15.99
N VAL A 529 -18.31 -12.45 16.20
CA VAL A 529 -17.76 -12.50 17.55
C VAL A 529 -17.29 -11.13 18.10
C1 NAG B . 19.79 24.48 -11.07
C2 NAG B . 20.08 25.73 -10.21
C3 NAG B . 20.85 26.76 -11.02
C4 NAG B . 22.13 26.15 -11.58
C5 NAG B . 21.81 24.91 -12.41
C6 NAG B . 23.07 24.21 -12.87
C7 NAG B . 18.55 26.38 -8.40
C8 NAG B . 17.23 27.00 -8.06
N2 NAG B . 18.84 26.29 -9.71
O3 NAG B . 21.18 27.86 -10.19
O4 NAG B . 22.85 27.09 -12.37
O5 NAG B . 21.07 23.96 -11.62
O6 NAG B . 22.84 22.90 -13.33
O7 NAG B . 19.32 25.98 -7.54
C1 FUC B . 24.14 22.38 -13.70
C2 FUC B . 24.41 21.09 -12.88
C3 FUC B . 23.45 19.97 -13.32
C4 FUC B . 23.56 19.75 -14.85
C5 FUC B . 23.34 21.08 -15.61
C6 FUC B . 23.64 20.96 -17.10
O2 FUC B . 24.37 21.30 -11.46
O3 FUC B . 23.77 18.75 -12.66
O4 FUC B . 24.83 19.23 -15.18
O5 FUC B . 24.20 22.14 -15.11
C1 NAG C . -9.33 5.15 25.95
C2 NAG C . -9.46 3.65 26.23
C3 NAG C . -9.34 3.37 27.71
C4 NAG C . -8.05 3.94 28.27
C5 NAG C . -7.91 5.42 27.92
C6 NAG C . -6.53 5.93 28.23
C7 NAG C . -10.80 2.07 24.92
C8 NAG C . -9.50 1.42 24.55
N2 NAG C . -10.72 3.14 25.72
O3 NAG C . -9.37 1.96 27.90
O4 NAG C . -7.99 3.78 29.69
O5 NAG C . -8.09 5.62 26.51
O6 NAG C . -5.60 4.90 27.94
O7 NAG C . -11.87 1.65 24.52
C1 NAG C . -6.93 2.89 30.12
C2 NAG C . -6.52 3.14 31.60
C3 NAG C . -5.50 2.10 32.07
C4 NAG C . -6.06 0.70 31.85
C5 NAG C . -6.39 0.52 30.37
C6 NAG C . -6.99 -0.83 30.04
C7 NAG C . -6.73 5.60 31.81
C8 NAG C . -6.00 6.89 32.00
N2 NAG C . -5.98 4.49 31.77
O3 NAG C . -5.14 2.29 33.44
O4 NAG C . -5.13 -0.27 32.34
O5 NAG C . -7.35 1.50 29.97
O6 NAG C . -7.85 -0.75 28.90
O7 NAG C . -7.97 5.55 31.68
C1 FUC C . -4.25 5.20 28.31
C2 FUC C . -3.43 4.03 27.71
C3 FUC C . -1.93 4.22 27.79
C4 FUC C . -1.49 5.68 27.45
C5 FUC C . -2.49 6.77 28.03
C6 FUC C . -2.36 7.07 29.54
O2 FUC C . -3.81 3.75 26.38
O3 FUC C . -1.46 3.87 29.09
O4 FUC C . -0.14 5.89 27.88
O5 FUC C . -3.86 6.45 27.83
C1 NAG D . 13.94 -19.45 18.55
C2 NAG D . 13.82 -20.44 19.71
C3 NAG D . 12.94 -19.88 20.83
C4 NAG D . 13.35 -18.46 21.20
C5 NAG D . 13.40 -17.61 19.94
C6 NAG D . 13.80 -16.17 20.16
C7 NAG D . 13.94 -22.56 18.44
C8 NAG D . 13.21 -23.80 18.04
N2 NAG D . 13.27 -21.70 19.23
O3 NAG D . 13.02 -20.72 21.98
O4 NAG D . 12.41 -17.92 22.11
O5 NAG D . 14.36 -18.19 19.03
O6 NAG D . 14.69 -16.03 21.25
O7 NAG D . 15.09 -22.33 18.07
C1 NAG D . 13.03 -17.77 23.40
C2 NAG D . 12.10 -16.96 24.30
C3 NAG D . 12.67 -16.89 25.73
C4 NAG D . 13.05 -18.27 26.24
C5 NAG D . 13.93 -19.00 25.23
C6 NAG D . 14.21 -20.43 25.62
C7 NAG D . 10.99 -15.31 22.84
C8 NAG D . 10.95 -13.86 22.43
N2 NAG D . 11.91 -15.62 23.77
O3 NAG D . 11.69 -16.32 26.60
O4 NAG D . 13.74 -18.17 27.48
O5 NAG D . 13.24 -19.05 23.97
O6 NAG D . 13.11 -21.27 25.29
O7 NAG D . 10.24 -16.15 22.36
C1 FUC D . 15.76 -15.14 20.87
C2 FUC D . 16.78 -15.08 22.06
C3 FUC D . 17.67 -16.34 22.13
C4 FUC D . 18.35 -16.57 20.79
C5 FUC D . 17.27 -16.72 19.70
C6 FUC D . 17.81 -16.94 18.29
O2 FUC D . 16.14 -14.84 23.30
O3 FUC D . 18.70 -16.18 23.09
O4 FUC D . 19.19 -15.48 20.49
O5 FUC D . 16.40 -15.54 19.64
S SO4 E . -5.75 -26.66 25.66
O1 SO4 E . -5.56 -25.66 26.71
O2 SO4 E . -6.78 -26.23 24.73
O3 SO4 E . -6.18 -27.92 26.29
O4 SO4 E . -4.52 -26.88 24.92
C1 NAG F . -4.62 11.27 -26.56
C2 NAG F . -4.94 12.11 -27.80
C3 NAG F . -6.29 12.81 -27.65
C4 NAG F . -7.38 11.77 -27.43
C5 NAG F . -7.05 10.91 -26.20
C6 NAG F . -8.02 9.76 -26.01
C7 NAG F . -3.42 14.03 -27.32
C8 NAG F . -2.31 14.86 -27.86
N2 NAG F . -3.87 13.06 -28.12
O3 NAG F . -6.58 13.58 -28.81
O4 NAG F . -8.66 12.37 -27.31
O5 NAG F . -5.73 10.33 -26.31
O6 NAG F . -7.60 8.82 -25.02
O7 NAG F . -3.92 14.24 -26.21
C1 NAG G . -12.60 27.65 20.44
C2 NAG G . -14.02 28.15 20.25
C3 NAG G . -14.20 28.68 18.83
C4 NAG G . -13.17 29.77 18.56
C5 NAG G . -11.74 29.27 18.83
C6 NAG G . -10.71 30.36 18.74
C7 NAG G . -15.64 27.03 21.74
C8 NAG G . -16.62 25.89 21.89
N2 NAG G . -15.01 27.12 20.56
O3 NAG G . -15.50 29.20 18.62
O4 NAG G . -13.26 30.25 17.22
O5 NAG G . -11.65 28.72 20.16
O6 NAG G . -10.67 31.19 19.89
O7 NAG G . -15.45 27.83 22.66
C1 NAG H . 9.22 -12.76 -25.30
C2 NAG H . 9.56 -11.64 -24.33
C3 NAG H . 10.46 -10.62 -25.01
C4 NAG H . 11.73 -11.30 -25.52
C5 NAG H . 11.39 -12.49 -26.42
C6 NAG H . 12.60 -13.31 -26.79
C7 NAG H . 7.89 -11.19 -22.56
C8 NAG H . 6.66 -10.41 -22.19
N2 NAG H . 8.36 -10.98 -23.79
O3 NAG H . 10.79 -9.57 -24.10
O4 NAG H . 12.55 -10.39 -26.24
O5 NAG H . 10.45 -13.38 -25.77
O6 NAG H . 12.42 -14.00 -28.03
O7 NAG H . 8.43 -11.96 -21.78
C02 8IS I . 7.34 -0.25 9.51
C03 8IS I . 7.75 -1.77 9.10
C05 8IS I . 7.50 -2.13 6.59
C06 8IS I . 6.54 -2.38 5.37
C07 8IS I . 6.69 -1.31 4.26
C08 8IS I . 5.76 -1.51 3.00
C09 8IS I . 5.20 -2.94 2.86
C10 8IS I . 6.18 -4.02 3.33
C11 8IS I . 6.72 -3.80 4.77
C12 8IS I . 5.83 0.11 9.05
C14 8IS I . 4.13 -1.72 9.05
C16 8IS I . 3.18 -2.72 9.64
C17 8IS I . 3.99 -3.97 9.91
C18 8IS I . 4.69 -4.62 8.86
C19 8IS I . 5.45 -5.77 9.08
C20 8IS I . 5.53 -6.31 10.38
C21 8IS I . 4.85 -5.67 11.41
C22 8IS I . 4.09 -4.51 11.18
C23 8IS I . 1.85 -2.95 8.89
C24 8IS I . 1.80 -3.52 7.58
C25 8IS I . 0.57 -3.73 6.90
C26 8IS I . -0.65 -3.39 7.52
C27 8IS I . -0.61 -2.83 8.79
C28 8IS I . 0.62 -2.62 9.46
N04 8IS I . 6.85 -2.26 7.95
N13 8IS I . 4.90 -0.78 9.69
O01 8IS I . 7.41 -0.21 10.98
O15 8IS I . 4.31 -1.77 7.80
C1 GOL J . -5.24 -0.42 14.62
O1 GOL J . -4.35 -1.41 14.17
C2 GOL J . -6.65 -0.76 14.05
O2 GOL J . -7.46 -1.37 15.01
C3 GOL J . -7.21 0.61 13.61
O3 GOL J . -7.16 0.63 12.23
S SO4 K . 3.24 -19.06 -19.06
O1 SO4 K . 4.10 -18.85 -20.24
O2 SO4 K . 2.51 -17.81 -18.77
O3 SO4 K . 2.30 -20.16 -19.34
O4 SO4 K . 4.03 -19.44 -17.89
S SO4 L . -15.67 -3.86 -18.10
O1 SO4 L . -15.49 -3.45 -16.71
O2 SO4 L . -15.35 -2.76 -19.02
O3 SO4 L . -17.07 -4.28 -18.27
O4 SO4 L . -14.78 -4.96 -18.41
CL CL M . -0.90 -31.29 19.32
CL CL N . -17.48 -22.24 9.19
CL CL O . -0.53 -22.33 -0.42
CL CL P . -6.58 -22.72 -0.92
CL CL Q . 16.40 -4.43 -2.34
CL CL R . 15.31 -7.86 -2.07
#